data_9GNJ
#
_entry.id   9GNJ
#
_cell.length_a   53.300
_cell.length_b   108.120
_cell.length_c   120.030
_cell.angle_alpha   90.000
_cell.angle_beta   90.000
_cell.angle_gamma   90.000
#
_symmetry.space_group_name_H-M   'P 21 21 21'
#
loop_
_entity.id
_entity.type
_entity.pdbx_description
1 polymer 'Serine/threonine-protein phosphatase 2A 56 kDa regulatory subunit gamma isoform'
2 polymer BRCA2
#
loop_
_entity_poly.entity_id
_entity_poly.type
_entity_poly.pdbx_seq_one_letter_code
_entity_poly.pdbx_strand_id
1 'polypeptide(L)'
;GIRDVPPADQEKLFIQKLRQCCVLFDFVSDPLSDLKWKEVKRAALSEMVEYITHNRNVITEPIYPEVVHMFAVNMFRTLP
PSSNPTGAEFDPEEDEPTLEAAWPHLQLVYEFFLRFLESPDFQPNIAKKYIDQKFVLQLLELFDSEDPRERDFLKTTLHR
IYGKFLGLRAYIRKQINNIFYRFIYETEHHNGIAELLEILGSIINGFALPLKEEHKIFLLKVLLPLHKVKSLSVYHPQLA
YCVVQFLEKDSTLTEPVVMALLKYWPKTHSPKEVMFLNELEEILDVIEPSEFVKIMEPLFRQLAKCVSSPHFQVAERALY
YWNNEYIMSLISDNAAKILPIMFPSLYRNSKT
;
A
2 'polypeptide(L)' TEL(SEP)TILEE(SEP)GSQ B
#
# COMPACT_ATOMS: atom_id res chain seq x y z
N PRO A 6 -36.75 15.50 17.17
CA PRO A 6 -37.13 15.54 18.59
C PRO A 6 -37.25 14.16 19.27
N PRO A 7 -37.89 13.15 18.61
CA PRO A 7 -37.91 11.82 19.24
C PRO A 7 -36.75 10.95 18.80
N ALA A 8 -36.02 10.40 19.77
CA ALA A 8 -34.86 9.56 19.49
C ALA A 8 -35.23 8.13 19.09
N ASP A 9 -36.49 7.88 18.70
CA ASP A 9 -36.87 6.55 18.24
C ASP A 9 -36.05 6.13 17.03
N GLN A 10 -35.84 7.05 16.10
CA GLN A 10 -35.03 6.75 14.92
C GLN A 10 -33.57 6.51 15.29
N GLU A 11 -33.05 7.25 16.27
CA GLU A 11 -31.68 7.04 16.73
C GLU A 11 -31.56 5.81 17.62
N LYS A 12 -32.59 5.54 18.45
CA LYS A 12 -32.51 4.40 19.36
C LYS A 12 -32.55 3.08 18.60
N LEU A 13 -33.36 3.00 17.54
CA LEU A 13 -33.41 1.77 16.74
C LEU A 13 -32.09 1.53 16.02
N PHE A 14 -31.42 2.60 15.57
CA PHE A 14 -30.10 2.46 14.98
C PHE A 14 -29.12 1.86 15.99
N ILE A 15 -29.13 2.37 17.22
CA ILE A 15 -28.26 1.83 18.26
C ILE A 15 -28.64 0.40 18.62
N GLN A 16 -29.93 0.07 18.58
CA GLN A 16 -30.37 -1.29 18.85
C GLN A 16 -29.82 -2.26 17.81
N LYS A 17 -29.94 -1.91 16.52
CA LYS A 17 -29.49 -2.81 15.47
C LYS A 17 -27.98 -2.94 15.45
N LEU A 18 -27.25 -1.88 15.76
CA LEU A 18 -25.81 -1.99 15.90
C LEU A 18 -25.43 -2.93 17.03
N ARG A 19 -26.07 -2.76 18.20
CA ARG A 19 -25.77 -3.64 19.33
C ARG A 19 -26.19 -5.07 19.08
N GLN A 20 -27.24 -5.26 18.28
CA GLN A 20 -27.69 -6.61 17.95
C GLN A 20 -26.65 -7.34 17.11
N CYS A 21 -25.91 -6.62 16.27
CA CYS A 21 -24.86 -7.23 15.45
C CYS A 21 -23.61 -7.55 16.24
N CYS A 22 -23.55 -7.20 17.53
CA CYS A 22 -22.43 -7.56 18.38
C CYS A 22 -22.61 -8.92 19.06
N VAL A 23 -23.71 -9.62 18.77
CA VAL A 23 -23.98 -10.91 19.40
C VAL A 23 -23.37 -11.98 18.48
N LEU A 24 -22.23 -12.54 18.91
CA LEU A 24 -21.61 -13.66 18.20
C LEU A 24 -22.20 -14.94 18.77
N PHE A 25 -23.40 -15.27 18.30
CA PHE A 25 -24.17 -16.33 18.91
C PHE A 25 -23.69 -17.71 18.47
N ASP A 26 -23.83 -18.01 17.18
CA ASP A 26 -23.59 -19.35 16.66
C ASP A 26 -24.44 -20.36 17.42
N PHE A 27 -25.68 -20.55 16.96
CA PHE A 27 -26.66 -21.33 17.71
C PHE A 27 -26.23 -22.78 17.88
N VAL A 28 -25.53 -23.35 16.89
CA VAL A 28 -25.18 -24.76 16.79
C VAL A 28 -26.39 -25.64 17.09
N SER A 29 -26.16 -26.95 17.23
CA SER A 29 -27.22 -27.91 17.54
C SER A 29 -28.36 -27.84 16.53
N ASP A 30 -29.15 -26.77 16.60
CA ASP A 30 -30.26 -26.56 15.68
C ASP A 30 -29.77 -25.83 14.45
N PRO A 31 -29.74 -26.45 13.27
CA PRO A 31 -29.26 -25.74 12.07
C PRO A 31 -30.22 -24.67 11.59
N LEU A 32 -31.52 -24.85 11.80
CA LEU A 32 -32.50 -23.88 11.33
C LEU A 32 -32.39 -22.57 12.11
N SER A 33 -32.23 -22.65 13.44
CA SER A 33 -32.07 -21.45 14.24
C SER A 33 -30.77 -20.73 13.90
N ASP A 34 -29.74 -21.45 13.48
CA ASP A 34 -28.49 -20.82 13.09
C ASP A 34 -28.67 -20.03 11.80
N LEU A 35 -29.31 -20.64 10.79
CA LEU A 35 -29.55 -19.93 9.54
C LEU A 35 -30.47 -18.74 9.75
N LYS A 36 -31.47 -18.87 10.62
CA LYS A 36 -32.34 -17.74 10.93
C LYS A 36 -31.54 -16.60 11.56
N TRP A 37 -30.62 -16.92 12.47
CA TRP A 37 -29.81 -15.88 13.09
C TRP A 37 -28.88 -15.22 12.07
N LYS A 38 -28.19 -16.04 11.25
CA LYS A 38 -27.32 -15.47 10.24
C LYS A 38 -28.09 -14.58 9.26
N GLU A 39 -29.35 -14.92 8.98
CA GLU A 39 -30.16 -14.10 8.09
C GLU A 39 -30.49 -12.75 8.72
N VAL A 40 -30.99 -12.74 9.96
CA VAL A 40 -31.40 -11.47 10.55
C VAL A 40 -30.20 -10.57 10.77
N LYS A 41 -29.03 -11.14 11.04
CA LYS A 41 -27.82 -10.32 11.16
C LYS A 41 -27.38 -9.79 9.81
N ARG A 42 -27.47 -10.62 8.76
CA ARG A 42 -27.15 -10.15 7.42
C ARG A 42 -28.15 -9.11 6.96
N ALA A 43 -29.43 -9.29 7.28
CA ALA A 43 -30.44 -8.31 6.89
C ALA A 43 -30.24 -6.99 7.63
N ALA A 44 -29.98 -7.05 8.94
CA ALA A 44 -29.76 -5.83 9.71
C ALA A 44 -28.58 -5.04 9.18
N LEU A 45 -27.49 -5.72 8.83
CA LEU A 45 -26.32 -5.05 8.29
C LEU A 45 -26.63 -4.38 6.95
N SER A 46 -27.30 -5.11 6.04
CA SER A 46 -27.69 -4.53 4.76
C SER A 46 -28.63 -3.34 4.95
N GLU A 47 -29.54 -3.42 5.94
CA GLU A 47 -30.42 -2.28 6.21
C GLU A 47 -29.64 -1.06 6.67
N MET A 48 -28.64 -1.26 7.54
CA MET A 48 -27.87 -0.13 8.03
C MET A 48 -26.91 0.41 6.98
N VAL A 49 -26.42 -0.44 6.09
CA VAL A 49 -25.55 0.03 5.01
C VAL A 49 -26.29 1.01 4.12
N GLU A 50 -27.47 0.62 3.65
CA GLU A 50 -28.25 1.51 2.78
C GLU A 50 -28.78 2.71 3.55
N TYR A 51 -29.04 2.55 4.85
CA TYR A 51 -29.55 3.65 5.66
C TYR A 51 -28.49 4.74 5.83
N ILE A 52 -27.27 4.36 6.20
CA ILE A 52 -26.22 5.34 6.43
C ILE A 52 -25.67 5.93 5.14
N THR A 53 -25.92 5.29 3.99
CA THR A 53 -25.39 5.78 2.73
C THR A 53 -26.26 6.89 2.13
N HIS A 54 -27.58 6.73 2.18
CA HIS A 54 -28.53 7.59 1.48
C HIS A 54 -29.28 8.55 2.38
N ASN A 55 -29.62 8.13 3.60
CA ASN A 55 -30.31 9.06 4.50
C ASN A 55 -29.31 10.06 5.07
N ARG A 56 -29.77 11.31 5.21
CA ARG A 56 -28.93 12.40 5.65
C ARG A 56 -29.14 12.69 7.13
N ASN A 57 -28.10 13.20 7.78
CA ASN A 57 -28.14 13.62 9.19
C ASN A 57 -28.58 12.48 10.10
N VAL A 58 -28.13 11.26 9.80
CA VAL A 58 -28.43 10.10 10.63
C VAL A 58 -27.28 9.73 11.57
N ILE A 59 -26.05 10.14 11.23
CA ILE A 59 -24.89 9.90 12.09
C ILE A 59 -24.84 10.99 13.15
N THR A 60 -25.61 10.79 14.23
CA THR A 60 -25.58 11.70 15.37
C THR A 60 -24.41 11.35 16.28
N GLU A 61 -24.23 12.15 17.34
CA GLU A 61 -23.10 11.94 18.24
C GLU A 61 -23.11 10.59 18.95
N PRO A 62 -24.23 10.07 19.47
CA PRO A 62 -24.18 8.76 20.14
C PRO A 62 -23.95 7.59 19.19
N ILE A 63 -24.05 7.80 17.88
CA ILE A 63 -23.88 6.70 16.95
C ILE A 63 -22.41 6.29 16.84
N TYR A 64 -21.50 7.26 16.98
CA TYR A 64 -20.07 6.99 16.79
C TYR A 64 -19.54 5.86 17.67
N PRO A 65 -19.72 5.86 19.00
CA PRO A 65 -19.15 4.75 19.79
C PRO A 65 -19.78 3.42 19.49
N GLU A 66 -21.04 3.40 19.04
CA GLU A 66 -21.70 2.13 18.73
C GLU A 66 -21.13 1.50 17.46
N VAL A 67 -20.87 2.33 16.44
CA VAL A 67 -20.31 1.81 15.19
C VAL A 67 -18.92 1.23 15.43
N VAL A 68 -18.08 1.96 16.16
CA VAL A 68 -16.71 1.51 16.38
C VAL A 68 -16.67 0.23 17.22
N HIS A 69 -17.58 0.12 18.18
CA HIS A 69 -17.67 -1.09 18.99
C HIS A 69 -18.14 -2.27 18.14
N MET A 70 -19.16 -2.07 17.31
CA MET A 70 -19.66 -3.15 16.47
C MET A 70 -18.58 -3.62 15.50
N PHE A 71 -17.80 -2.68 14.94
CA PHE A 71 -16.70 -3.07 14.06
C PHE A 71 -15.64 -3.85 14.82
N ALA A 72 -15.37 -3.47 16.07
CA ALA A 72 -14.30 -4.10 16.82
C ALA A 72 -14.67 -5.52 17.25
N VAL A 73 -15.94 -5.73 17.62
CA VAL A 73 -16.37 -7.04 18.10
C VAL A 73 -16.36 -8.06 16.96
N ASN A 74 -16.70 -7.62 15.75
CA ASN A 74 -16.77 -8.54 14.61
C ASN A 74 -15.44 -8.73 13.92
N MET A 75 -14.69 -7.64 13.70
CA MET A 75 -13.48 -7.71 12.90
C MET A 75 -12.25 -8.08 13.73
N PHE A 76 -12.02 -7.41 14.86
CA PHE A 76 -10.81 -7.65 15.63
C PHE A 76 -10.87 -9.03 16.25
N ARG A 77 -10.40 -10.03 15.51
CA ARG A 77 -10.45 -11.41 15.94
C ARG A 77 -9.07 -12.05 15.78
N THR A 78 -9.00 -13.37 15.89
CA THR A 78 -7.78 -14.12 15.63
C THR A 78 -7.84 -14.66 14.20
N LEU A 79 -6.79 -14.42 13.43
CA LEU A 79 -6.78 -14.79 12.03
C LEU A 79 -6.63 -16.30 11.87
N PRO A 80 -7.43 -16.95 11.02
CA PRO A 80 -7.31 -18.40 10.83
C PRO A 80 -6.02 -18.73 10.09
N PRO A 81 -5.51 -19.97 10.25
CA PRO A 81 -4.29 -20.39 9.56
C PRO A 81 -4.56 -21.08 8.23
N GLU A 100 -13.01 -18.94 4.23
CA GLU A 100 -13.82 -18.65 5.40
C GLU A 100 -15.29 -18.49 5.01
N ALA A 101 -16.17 -19.25 5.67
CA ALA A 101 -17.59 -19.22 5.35
C ALA A 101 -18.33 -18.07 6.00
N ALA A 102 -17.72 -17.39 6.98
CA ALA A 102 -18.34 -16.23 7.63
C ALA A 102 -18.07 -14.93 6.90
N TRP A 103 -17.54 -15.00 5.68
CA TRP A 103 -17.21 -13.78 4.96
C TRP A 103 -18.41 -12.92 4.58
N PRO A 104 -19.59 -13.48 4.21
CA PRO A 104 -20.75 -12.60 3.97
C PRO A 104 -21.02 -11.60 5.08
N HIS A 105 -20.91 -12.01 6.34
CA HIS A 105 -21.09 -11.06 7.44
C HIS A 105 -19.93 -10.10 7.53
N LEU A 106 -18.70 -10.59 7.42
CA LEU A 106 -17.53 -9.72 7.53
C LEU A 106 -17.55 -8.63 6.46
N GLN A 107 -17.91 -9.00 5.23
CA GLN A 107 -17.91 -8.02 4.14
C GLN A 107 -18.89 -6.89 4.39
N LEU A 108 -20.09 -7.21 4.91
CA LEU A 108 -21.06 -6.17 5.21
C LEU A 108 -20.56 -5.21 6.29
N VAL A 109 -19.79 -5.73 7.26
CA VAL A 109 -19.26 -4.87 8.31
C VAL A 109 -18.21 -3.92 7.76
N TYR A 110 -17.36 -4.41 6.85
CA TYR A 110 -16.39 -3.54 6.19
C TYR A 110 -17.09 -2.48 5.35
N GLU A 111 -18.10 -2.88 4.58
CA GLU A 111 -18.87 -1.93 3.79
C GLU A 111 -19.57 -0.90 4.67
N PHE A 112 -20.18 -1.35 5.77
CA PHE A 112 -20.86 -0.40 6.64
C PHE A 112 -19.89 0.58 7.27
N PHE A 113 -18.72 0.10 7.70
CA PHE A 113 -17.74 0.99 8.31
C PHE A 113 -17.17 1.96 7.27
N LEU A 114 -16.93 1.48 6.05
CA LEU A 114 -16.43 2.37 5.00
C LEU A 114 -17.45 3.46 4.67
N ARG A 115 -18.72 3.09 4.55
CA ARG A 115 -19.75 4.11 4.33
C ARG A 115 -19.92 5.02 5.53
N PHE A 116 -19.55 4.55 6.73
CA PHE A 116 -19.55 5.40 7.91
C PHE A 116 -18.45 6.45 7.83
N LEU A 117 -17.26 6.05 7.39
CA LEU A 117 -16.15 6.99 7.28
C LEU A 117 -16.32 7.96 6.12
N GLU A 118 -16.89 7.50 4.99
CA GLU A 118 -17.02 8.32 3.80
C GLU A 118 -18.22 9.27 3.83
N SER A 119 -19.07 9.18 4.85
CA SER A 119 -20.28 10.00 4.86
C SER A 119 -19.93 11.48 5.04
N PRO A 120 -20.58 12.36 4.29
CA PRO A 120 -20.35 13.81 4.49
C PRO A 120 -20.75 14.30 5.87
N ASP A 121 -21.53 13.53 6.62
CA ASP A 121 -21.89 13.88 7.99
C ASP A 121 -20.90 13.34 9.02
N PHE A 122 -19.88 12.61 8.58
CA PHE A 122 -18.90 12.04 9.49
C PHE A 122 -17.99 13.14 10.03
N GLN A 123 -17.93 13.27 11.35
CA GLN A 123 -17.14 14.30 11.99
C GLN A 123 -15.95 13.67 12.69
N PRO A 124 -14.72 13.85 12.18
CA PRO A 124 -13.55 13.26 12.86
C PRO A 124 -13.29 13.85 14.24
N ASN A 125 -13.80 15.05 14.55
CA ASN A 125 -13.60 15.61 15.88
C ASN A 125 -14.29 14.79 16.96
N ILE A 126 -15.32 14.04 16.59
CA ILE A 126 -16.04 13.17 17.52
C ILE A 126 -15.50 11.75 17.47
N ALA A 127 -15.19 11.24 16.28
CA ALA A 127 -14.75 9.86 16.16
C ALA A 127 -13.33 9.65 16.67
N LYS A 128 -12.54 10.72 16.80
CA LYS A 128 -11.18 10.59 17.29
C LYS A 128 -11.13 10.02 18.70
N LYS A 129 -12.20 10.22 19.49
CA LYS A 129 -12.27 9.65 20.83
C LYS A 129 -12.33 8.12 20.80
N TYR A 130 -12.73 7.53 19.68
CA TYR A 130 -12.90 6.09 19.56
C TYR A 130 -12.03 5.45 18.49
N ILE A 131 -11.64 6.20 17.45
CA ILE A 131 -10.65 5.70 16.48
C ILE A 131 -9.29 6.16 17.00
N ASP A 132 -8.79 5.42 17.99
CA ASP A 132 -7.56 5.80 18.67
C ASP A 132 -6.41 4.93 18.17
N GLN A 133 -5.26 5.01 18.85
CA GLN A 133 -4.09 4.24 18.42
C GLN A 133 -4.30 2.74 18.61
N LYS A 134 -5.01 2.36 19.68
CA LYS A 134 -5.28 0.94 19.90
C LYS A 134 -6.16 0.36 18.80
N PHE A 135 -7.01 1.19 18.19
CA PHE A 135 -7.90 0.71 17.12
C PHE A 135 -7.12 0.48 15.83
N VAL A 136 -6.29 1.45 15.43
CA VAL A 136 -5.52 1.29 14.20
C VAL A 136 -4.45 0.22 14.34
N LEU A 137 -4.05 -0.11 15.57
CA LEU A 137 -3.09 -1.19 15.77
C LEU A 137 -3.75 -2.54 15.49
N GLN A 138 -4.96 -2.75 16.01
CA GLN A 138 -5.69 -3.99 15.72
C GLN A 138 -6.12 -4.05 14.27
N LEU A 139 -6.34 -2.90 13.63
CA LEU A 139 -6.66 -2.89 12.21
C LEU A 139 -5.47 -3.34 11.38
N LEU A 140 -4.26 -2.98 11.80
CA LEU A 140 -3.06 -3.39 11.07
C LEU A 140 -2.77 -4.87 11.22
N GLU A 141 -3.10 -5.45 12.38
CA GLU A 141 -2.90 -6.89 12.57
C GLU A 141 -3.74 -7.69 11.59
N LEU A 142 -4.87 -7.13 11.13
CA LEU A 142 -5.73 -7.84 10.19
C LEU A 142 -5.15 -7.86 8.77
N PHE A 143 -4.14 -7.04 8.49
CA PHE A 143 -3.53 -7.05 7.17
C PHE A 143 -2.78 -8.34 6.87
N ASP A 144 -2.51 -9.15 7.89
CA ASP A 144 -1.89 -10.46 7.69
C ASP A 144 -2.89 -11.52 7.28
N SER A 145 -4.11 -11.13 6.94
CA SER A 145 -5.12 -12.08 6.51
C SER A 145 -4.74 -12.68 5.16
N GLU A 146 -5.07 -13.96 5.00
CA GLU A 146 -4.81 -14.64 3.74
C GLU A 146 -5.87 -14.37 2.69
N ASP A 147 -6.96 -13.71 3.05
CA ASP A 147 -8.04 -13.43 2.10
C ASP A 147 -7.76 -12.11 1.40
N PRO A 148 -7.54 -12.11 0.08
CA PRO A 148 -7.27 -10.83 -0.61
C PRO A 148 -8.44 -9.88 -0.60
N ARG A 149 -9.68 -10.38 -0.52
CA ARG A 149 -10.84 -9.50 -0.41
C ARG A 149 -10.82 -8.71 0.89
N GLU A 150 -10.35 -9.34 1.97
CA GLU A 150 -10.28 -8.66 3.26
C GLU A 150 -9.20 -7.60 3.27
N ARG A 151 -8.02 -7.92 2.70
CA ARG A 151 -6.95 -6.94 2.64
C ARG A 151 -7.33 -5.75 1.78
N ASP A 152 -8.18 -5.95 0.78
CA ASP A 152 -8.64 -4.81 -0.02
C ASP A 152 -9.52 -3.87 0.79
N PHE A 153 -10.41 -4.42 1.62
CA PHE A 153 -11.22 -3.57 2.50
C PHE A 153 -10.36 -2.89 3.56
N LEU A 154 -9.37 -3.60 4.09
CA LEU A 154 -8.46 -2.99 5.06
C LEU A 154 -7.62 -1.89 4.41
N LYS A 155 -7.20 -2.11 3.17
CA LYS A 155 -6.44 -1.08 2.46
C LYS A 155 -7.23 0.20 2.33
N THR A 156 -8.50 0.09 1.91
CA THR A 156 -9.34 1.27 1.74
C THR A 156 -9.65 1.92 3.10
N THR A 157 -9.94 1.09 4.11
CA THR A 157 -10.31 1.60 5.42
C THR A 157 -9.18 2.39 6.06
N LEU A 158 -7.96 1.83 6.07
CA LEU A 158 -6.85 2.52 6.70
C LEU A 158 -6.46 3.75 5.90
N HIS A 159 -6.57 3.70 4.57
CA HIS A 159 -6.33 4.89 3.76
C HIS A 159 -7.28 6.02 4.12
N ARG A 160 -8.52 5.69 4.47
CA ARG A 160 -9.47 6.74 4.83
C ARG A 160 -9.22 7.27 6.25
N ILE A 161 -8.86 6.38 7.17
CA ILE A 161 -8.53 6.79 8.53
C ILE A 161 -7.31 7.70 8.54
N TYR A 162 -6.29 7.37 7.75
CA TYR A 162 -5.10 8.21 7.68
C TYR A 162 -5.45 9.61 7.20
N GLY A 163 -6.28 9.70 6.15
CA GLY A 163 -6.60 10.99 5.55
C GLY A 163 -7.55 11.85 6.35
N LYS A 164 -8.24 11.29 7.34
CA LYS A 164 -9.21 12.05 8.13
C LYS A 164 -8.79 12.26 9.57
N PHE A 165 -7.78 11.56 10.06
CA PHE A 165 -7.30 11.71 11.45
C PHE A 165 -5.83 12.11 11.42
N LEU A 166 -5.56 13.42 11.51
CA LEU A 166 -4.18 13.89 11.50
C LEU A 166 -3.42 13.47 12.74
N GLY A 167 -4.12 13.29 13.87
CA GLY A 167 -3.49 12.83 15.09
C GLY A 167 -3.05 11.38 15.06
N LEU A 168 -3.38 10.64 14.00
CA LEU A 168 -2.97 9.26 13.85
C LEU A 168 -1.93 9.06 12.75
N ARG A 169 -1.67 10.08 11.92
CA ARG A 169 -0.79 9.88 10.77
C ARG A 169 0.63 9.53 11.20
N ALA A 170 1.15 10.20 12.22
CA ALA A 170 2.49 9.87 12.72
C ALA A 170 2.53 8.46 13.29
N TYR A 171 1.46 8.05 13.98
CA TYR A 171 1.43 6.72 14.58
C TYR A 171 1.28 5.64 13.51
N ILE A 172 0.46 5.89 12.49
CA ILE A 172 0.26 4.89 11.44
C ILE A 172 1.55 4.66 10.66
N ARG A 173 2.27 5.74 10.34
CA ARG A 173 3.54 5.58 9.63
C ARG A 173 4.55 4.82 10.49
N LYS A 174 4.53 5.05 11.80
CA LYS A 174 5.48 4.36 12.68
C LYS A 174 5.20 2.86 12.72
N GLN A 175 3.92 2.48 12.83
CA GLN A 175 3.55 1.07 12.94
C GLN A 175 3.68 0.33 11.62
N ILE A 176 3.49 1.02 10.49
CA ILE A 176 3.70 0.39 9.19
C ILE A 176 5.17 0.02 9.03
N ASN A 177 6.07 0.89 9.49
CA ASN A 177 7.49 0.59 9.44
C ASN A 177 7.83 -0.62 10.31
N ASN A 178 7.26 -0.68 11.52
CA ASN A 178 7.52 -1.82 12.39
C ASN A 178 7.12 -3.14 11.71
N ILE A 179 6.06 -3.12 10.90
CA ILE A 179 5.69 -4.32 10.17
C ILE A 179 6.71 -4.62 9.08
N PHE A 180 7.29 -3.58 8.46
CA PHE A 180 8.28 -3.76 7.40
C PHE A 180 9.64 -4.19 7.96
N TYR A 181 10.05 -3.64 9.10
CA TYR A 181 11.32 -4.05 9.69
C TYR A 181 11.28 -5.52 10.09
N ARG A 182 10.15 -5.97 10.63
CA ARG A 182 10.01 -7.39 10.96
C ARG A 182 9.98 -8.25 9.71
N PHE A 183 9.45 -7.72 8.60
CA PHE A 183 9.35 -8.47 7.36
C PHE A 183 10.69 -8.60 6.65
N ILE A 184 11.65 -7.73 6.95
CA ILE A 184 12.93 -7.73 6.26
C ILE A 184 14.00 -8.49 7.04
N TYR A 185 14.00 -8.38 8.37
CA TYR A 185 15.08 -8.89 9.19
C TYR A 185 14.66 -10.01 10.13
N GLU A 186 13.41 -10.47 10.07
CA GLU A 186 12.94 -11.49 10.98
C GLU A 186 12.08 -12.55 10.29
N THR A 187 10.76 -12.34 10.30
CA THR A 187 9.85 -13.38 9.80
C THR A 187 9.95 -13.55 8.30
N GLU A 188 10.11 -12.45 7.56
CA GLU A 188 10.11 -12.47 6.10
C GLU A 188 8.81 -13.06 5.55
N HIS A 189 7.73 -12.89 6.31
CA HIS A 189 6.42 -13.42 5.92
C HIS A 189 5.34 -12.46 6.39
N HIS A 190 4.62 -11.86 5.44
CA HIS A 190 3.49 -11.00 5.74
C HIS A 190 2.67 -10.85 4.48
N ASN A 191 1.37 -11.15 4.56
CA ASN A 191 0.53 -11.21 3.37
C ASN A 191 0.00 -9.85 2.94
N GLY A 192 0.26 -8.79 3.69
CA GLY A 192 -0.31 -7.49 3.36
C GLY A 192 0.72 -6.45 2.99
N ILE A 193 1.91 -6.90 2.57
CA ILE A 193 2.97 -5.96 2.20
C ILE A 193 2.56 -5.12 1.00
N ALA A 194 1.86 -5.73 0.03
CA ALA A 194 1.46 -4.98 -1.16
C ALA A 194 0.41 -3.93 -0.85
N GLU A 195 -0.59 -4.28 -0.03
CA GLU A 195 -1.66 -3.34 0.27
C GLU A 195 -1.14 -2.16 1.08
N LEU A 196 -0.22 -2.40 2.00
CA LEU A 196 0.37 -1.31 2.78
C LEU A 196 1.19 -0.38 1.89
N LEU A 197 1.94 -0.93 0.94
CA LEU A 197 2.71 -0.09 0.02
C LEU A 197 1.80 0.72 -0.89
N GLU A 198 0.64 0.17 -1.25
CA GLU A 198 -0.31 0.92 -2.07
C GLU A 198 -0.85 2.13 -1.32
N ILE A 199 -1.04 2.01 0.00
CA ILE A 199 -1.49 3.13 0.80
C ILE A 199 -0.42 4.22 0.87
N LEU A 200 0.83 3.82 1.09
CA LEU A 200 1.91 4.79 1.21
C LEU A 200 2.14 5.55 -0.08
N GLY A 201 1.86 4.94 -1.23
CA GLY A 201 2.01 5.63 -2.49
C GLY A 201 1.16 6.88 -2.60
N SER A 202 -0.03 6.86 -1.98
CA SER A 202 -0.88 8.03 -1.98
C SER A 202 -0.42 9.06 -0.94
N ILE A 203 0.27 8.62 0.10
CA ILE A 203 0.81 9.55 1.09
C ILE A 203 2.06 10.23 0.53
N ILE A 204 2.88 9.49 -0.21
CA ILE A 204 4.08 10.07 -0.80
C ILE A 204 3.71 11.13 -1.85
N ASN A 205 2.70 10.83 -2.67
CA ASN A 205 2.26 11.77 -3.70
C ASN A 205 1.83 13.10 -3.13
N GLY A 206 1.50 13.17 -1.84
CA GLY A 206 1.10 14.40 -1.20
C GLY A 206 2.07 14.96 -0.20
N PHE A 207 3.31 14.48 -0.19
CA PHE A 207 4.32 14.95 0.75
C PHE A 207 4.62 16.43 0.52
N ALA A 208 4.97 17.12 1.60
CA ALA A 208 5.21 18.56 1.59
C ALA A 208 6.50 18.90 0.85
N LEU A 209 6.63 20.20 0.51
CA LEU A 209 7.65 20.73 -0.36
C LEU A 209 9.05 20.29 0.06
N PRO A 210 9.54 20.62 1.27
CA PRO A 210 10.84 20.09 1.67
C PRO A 210 10.65 18.76 2.39
N LEU A 211 10.91 17.66 1.67
CA LEU A 211 10.71 16.32 2.23
C LEU A 211 11.39 16.20 3.58
N LYS A 212 10.57 15.97 4.61
CA LYS A 212 11.08 15.86 5.97
C LYS A 212 12.00 14.64 6.10
N GLU A 213 12.86 14.69 7.11
CA GLU A 213 13.87 13.64 7.26
C GLU A 213 13.23 12.28 7.49
N GLU A 214 12.09 12.25 8.18
CA GLU A 214 11.40 10.99 8.43
C GLU A 214 11.08 10.27 7.12
N HIS A 215 10.64 11.01 6.10
CA HIS A 215 10.29 10.38 4.83
C HIS A 215 11.54 9.91 4.09
N LYS A 216 12.64 10.66 4.19
CA LYS A 216 13.86 10.28 3.50
C LYS A 216 14.50 9.06 4.16
N ILE A 217 14.47 8.98 5.49
CA ILE A 217 14.97 7.79 6.18
C ILE A 217 14.13 6.58 5.79
N PHE A 218 12.83 6.79 5.61
CA PHE A 218 11.93 5.71 5.21
C PHE A 218 12.27 5.18 3.82
N LEU A 219 12.67 6.06 2.90
CA LEU A 219 13.06 5.60 1.57
C LEU A 219 14.35 4.78 1.62
N LEU A 220 15.37 5.31 2.28
CA LEU A 220 16.69 4.71 2.22
C LEU A 220 16.80 3.45 3.08
N LYS A 221 16.11 3.40 4.22
CA LYS A 221 16.28 2.30 5.16
C LYS A 221 15.10 1.34 5.23
N VAL A 222 14.01 1.61 4.50
CA VAL A 222 12.87 0.70 4.49
C VAL A 222 12.53 0.28 3.06
N LEU A 223 12.25 1.26 2.20
CA LEU A 223 11.81 0.93 0.84
C LEU A 223 12.89 0.24 0.04
N LEU A 224 14.14 0.74 0.13
CA LEU A 224 15.22 0.11 -0.62
C LEU A 224 15.55 -1.29 -0.09
N PRO A 225 15.69 -1.52 1.22
CA PRO A 225 15.92 -2.89 1.69
C PRO A 225 14.79 -3.86 1.40
N LEU A 226 13.59 -3.37 1.04
CA LEU A 226 12.51 -4.27 0.66
C LEU A 226 12.80 -5.03 -0.62
N HIS A 227 13.75 -4.56 -1.44
CA HIS A 227 14.15 -5.28 -2.64
C HIS A 227 14.99 -6.51 -2.32
N LYS A 228 15.46 -6.67 -1.09
CA LYS A 228 16.29 -7.81 -0.71
C LYS A 228 15.46 -9.06 -0.42
N VAL A 229 14.22 -8.88 0.04
CA VAL A 229 13.41 -10.03 0.43
C VAL A 229 13.13 -10.92 -0.78
N LYS A 230 13.10 -12.23 -0.54
CA LYS A 230 12.90 -13.19 -1.64
C LYS A 230 11.52 -13.05 -2.27
N SER A 231 10.49 -12.81 -1.46
CA SER A 231 9.13 -12.70 -1.96
C SER A 231 8.85 -11.34 -2.61
N LEU A 232 9.86 -10.76 -3.26
CA LEU A 232 9.71 -9.44 -3.87
C LEU A 232 8.70 -9.45 -4.99
N SER A 233 8.50 -10.61 -5.66
CA SER A 233 7.61 -10.67 -6.80
C SER A 233 6.15 -10.38 -6.46
N VAL A 234 5.79 -10.36 -5.19
CA VAL A 234 4.39 -10.20 -4.80
C VAL A 234 4.02 -8.72 -4.66
N TYR A 235 4.92 -7.90 -4.14
CA TYR A 235 4.66 -6.49 -3.91
C TYR A 235 5.53 -5.57 -4.76
N HIS A 236 6.21 -6.12 -5.77
CA HIS A 236 7.15 -5.32 -6.55
C HIS A 236 6.50 -4.16 -7.29
N PRO A 237 5.34 -4.32 -7.96
CA PRO A 237 4.74 -3.14 -8.61
C PRO A 237 4.44 -2.01 -7.65
N GLN A 238 3.99 -2.34 -6.43
CA GLN A 238 3.70 -1.30 -5.46
C GLN A 238 4.98 -0.67 -4.91
N LEU A 239 6.00 -1.49 -4.65
CA LEU A 239 7.27 -0.97 -4.17
C LEU A 239 7.91 -0.02 -5.19
N ALA A 240 7.86 -0.39 -6.47
CA ALA A 240 8.43 0.46 -7.51
C ALA A 240 7.70 1.79 -7.62
N TYR A 241 6.39 1.80 -7.37
CA TYR A 241 5.63 3.05 -7.46
C TYR A 241 6.04 4.02 -6.35
N CYS A 242 6.24 3.50 -5.12
CA CYS A 242 6.67 4.35 -4.03
C CYS A 242 8.07 4.91 -4.26
N VAL A 243 8.93 4.14 -4.92
CA VAL A 243 10.29 4.61 -5.20
C VAL A 243 10.26 5.69 -6.26
N VAL A 244 9.44 5.52 -7.30
CA VAL A 244 9.36 6.52 -8.36
C VAL A 244 8.75 7.81 -7.84
N GLN A 245 7.70 7.72 -7.04
CA GLN A 245 7.05 8.92 -6.52
C GLN A 245 8.00 9.70 -5.60
N PHE A 246 8.93 9.01 -4.95
CA PHE A 246 9.93 9.71 -4.14
C PHE A 246 10.87 10.54 -5.02
N LEU A 247 11.20 10.03 -6.22
CA LEU A 247 12.11 10.76 -7.10
C LEU A 247 11.41 11.89 -7.85
N GLU A 248 10.08 11.83 -8.00
CA GLU A 248 9.36 12.95 -8.57
C GLU A 248 9.15 14.07 -7.56
N LYS A 249 9.12 13.74 -6.26
CA LYS A 249 9.10 14.79 -5.24
C LYS A 249 10.46 15.46 -5.11
N ASP A 250 11.49 14.68 -4.81
CA ASP A 250 12.86 15.19 -4.65
C ASP A 250 13.78 14.40 -5.58
N SER A 251 14.28 15.07 -6.62
CA SER A 251 15.18 14.42 -7.56
C SER A 251 16.58 14.19 -6.99
N THR A 252 16.88 14.75 -5.81
CA THR A 252 18.19 14.55 -5.19
C THR A 252 18.41 13.09 -4.79
N LEU A 253 17.33 12.39 -4.46
CA LEU A 253 17.40 11.02 -3.97
C LEU A 253 17.62 9.99 -5.07
N THR A 254 17.83 10.43 -6.32
CA THR A 254 17.99 9.48 -7.41
C THR A 254 19.27 8.67 -7.28
N GLU A 255 20.36 9.31 -6.83
CA GLU A 255 21.64 8.60 -6.79
C GLU A 255 21.63 7.44 -5.80
N PRO A 256 21.29 7.63 -4.51
CA PRO A 256 21.32 6.48 -3.59
C PRO A 256 20.25 5.44 -3.89
N VAL A 257 19.20 5.78 -4.62
CA VAL A 257 18.20 4.80 -5.01
C VAL A 257 18.74 3.89 -6.11
N VAL A 258 19.28 4.48 -7.18
CA VAL A 258 19.77 3.71 -8.31
C VAL A 258 20.93 2.82 -7.88
N MET A 259 21.84 3.36 -7.05
CA MET A 259 22.96 2.55 -6.58
C MET A 259 22.49 1.42 -5.66
N ALA A 260 21.36 1.60 -4.98
CA ALA A 260 20.84 0.53 -4.13
C ALA A 260 20.24 -0.59 -4.97
N LEU A 261 19.49 -0.24 -6.02
CA LEU A 261 18.96 -1.27 -6.91
C LEU A 261 20.08 -2.08 -7.55
N LEU A 262 21.19 -1.42 -7.91
CA LEU A 262 22.32 -2.14 -8.48
C LEU A 262 22.99 -3.03 -7.44
N LYS A 263 22.95 -2.63 -6.16
CA LYS A 263 23.44 -3.49 -5.09
C LYS A 263 22.53 -4.69 -4.90
N TYR A 264 21.23 -4.46 -4.70
CA TYR A 264 20.26 -5.54 -4.53
C TYR A 264 19.92 -6.25 -5.83
N TRP A 265 20.62 -5.94 -6.92
CA TRP A 265 20.38 -6.58 -8.20
C TRP A 265 20.71 -8.07 -8.11
N PRO A 266 19.85 -8.96 -8.63
CA PRO A 266 20.15 -10.39 -8.54
C PRO A 266 21.37 -10.77 -9.35
N LYS A 267 22.49 -11.04 -8.66
CA LYS A 267 23.70 -11.45 -9.35
C LYS A 267 23.50 -12.77 -10.08
N THR A 268 22.69 -13.67 -9.52
CA THR A 268 22.30 -14.88 -10.23
C THR A 268 21.28 -14.54 -11.31
N HIS A 269 21.64 -14.78 -12.57
CA HIS A 269 20.74 -14.47 -13.67
C HIS A 269 19.47 -15.30 -13.58
N SER A 270 18.38 -14.68 -13.19
CA SER A 270 17.09 -15.34 -13.02
C SER A 270 16.01 -14.40 -13.54
N PRO A 271 14.80 -14.93 -13.79
CA PRO A 271 13.69 -14.05 -14.20
C PRO A 271 13.34 -12.97 -13.19
N LYS A 272 13.88 -13.04 -11.96
CA LYS A 272 13.61 -11.99 -10.99
C LYS A 272 14.19 -10.65 -11.42
N GLU A 273 15.30 -10.66 -12.16
CA GLU A 273 15.91 -9.39 -12.56
C GLU A 273 15.14 -8.71 -13.68
N VAL A 274 14.10 -9.34 -14.22
CA VAL A 274 13.21 -8.64 -15.14
C VAL A 274 12.41 -7.58 -14.40
N MET A 275 12.09 -7.84 -13.12
CA MET A 275 11.37 -6.85 -12.33
C MET A 275 12.25 -5.64 -12.04
N PHE A 276 13.54 -5.87 -11.78
CA PHE A 276 14.47 -4.75 -11.60
C PHE A 276 14.57 -3.91 -12.86
N LEU A 277 14.52 -4.55 -14.02
CA LEU A 277 14.58 -3.81 -15.28
C LEU A 277 13.37 -2.90 -15.43
N ASN A 278 12.19 -3.37 -15.02
CA ASN A 278 10.99 -2.54 -15.09
C ASN A 278 11.09 -1.35 -14.14
N GLU A 279 11.49 -1.60 -12.89
CA GLU A 279 11.66 -0.51 -11.94
C GLU A 279 12.71 0.48 -12.41
N LEU A 280 13.74 -0.01 -13.10
CA LEU A 280 14.82 0.86 -13.55
C LEU A 280 14.41 1.73 -14.72
N GLU A 281 13.53 1.25 -15.60
CA GLU A 281 13.04 2.11 -16.66
C GLU A 281 12.05 3.14 -16.13
N GLU A 282 11.21 2.75 -15.18
CA GLU A 282 10.28 3.69 -14.58
C GLU A 282 10.99 4.82 -13.86
N ILE A 283 12.17 4.53 -13.29
CA ILE A 283 12.99 5.58 -12.69
C ILE A 283 13.57 6.48 -13.77
N LEU A 284 14.05 5.90 -14.87
CA LEU A 284 14.64 6.70 -15.94
C LEU A 284 13.61 7.61 -16.61
N ASP A 285 12.33 7.22 -16.58
CA ASP A 285 11.29 8.06 -17.17
C ASP A 285 11.07 9.36 -16.40
N VAL A 286 11.50 9.43 -15.15
CA VAL A 286 11.33 10.63 -14.33
C VAL A 286 12.66 11.20 -13.86
N ILE A 287 13.79 10.65 -14.29
CA ILE A 287 15.09 11.09 -13.79
C ILE A 287 15.45 12.43 -14.44
N GLU A 288 16.15 13.25 -13.68
CA GLU A 288 16.67 14.50 -14.21
C GLU A 288 17.95 14.24 -15.00
N PRO A 289 18.24 15.06 -16.01
CA PRO A 289 19.48 14.86 -16.77
C PRO A 289 20.73 14.99 -15.91
N SER A 290 20.79 15.98 -15.02
CA SER A 290 21.94 16.13 -14.14
C SER A 290 22.07 14.95 -13.19
N GLU A 291 20.94 14.36 -12.77
CA GLU A 291 20.98 13.16 -11.95
C GLU A 291 21.25 11.91 -12.75
N PHE A 292 21.06 11.96 -14.07
CA PHE A 292 21.32 10.79 -14.90
C PHE A 292 22.81 10.54 -15.07
N VAL A 293 23.58 11.61 -15.33
CA VAL A 293 25.01 11.47 -15.56
C VAL A 293 25.77 11.02 -14.33
N LYS A 294 25.16 11.05 -13.15
CA LYS A 294 25.82 10.68 -11.92
C LYS A 294 25.80 9.17 -11.65
N ILE A 295 24.92 8.43 -12.34
CA ILE A 295 24.81 6.99 -12.13
C ILE A 295 24.67 6.26 -13.45
N MET A 296 24.93 6.95 -14.56
CA MET A 296 24.75 6.34 -15.86
C MET A 296 25.82 5.28 -16.14
N GLU A 297 27.04 5.47 -15.65
CA GLU A 297 28.09 4.47 -15.90
C GLU A 297 27.80 3.16 -15.19
N PRO A 298 27.58 3.11 -13.86
CA PRO A 298 27.29 1.81 -13.24
C PRO A 298 26.00 1.19 -13.71
N LEU A 299 25.03 2.00 -14.15
CA LEU A 299 23.74 1.47 -14.60
C LEU A 299 23.88 0.75 -15.93
N PHE A 300 24.47 1.42 -16.92
CA PHE A 300 24.61 0.80 -18.23
C PHE A 300 25.63 -0.34 -18.21
N ARG A 301 26.52 -0.39 -17.21
CA ARG A 301 27.36 -1.56 -17.05
C ARG A 301 26.55 -2.78 -16.63
N GLN A 302 25.56 -2.58 -15.75
CA GLN A 302 24.63 -3.67 -15.43
C GLN A 302 23.70 -3.94 -16.60
N LEU A 303 23.27 -2.89 -17.30
CA LEU A 303 22.40 -3.06 -18.46
C LEU A 303 23.09 -3.84 -19.56
N ALA A 304 24.40 -3.62 -19.75
CA ALA A 304 25.14 -4.40 -20.74
C ALA A 304 25.23 -5.87 -20.35
N LYS A 305 25.27 -6.17 -19.04
CA LYS A 305 25.25 -7.55 -18.59
C LYS A 305 23.92 -8.22 -18.90
N CYS A 306 22.84 -7.44 -18.94
CA CYS A 306 21.51 -8.01 -19.19
C CYS A 306 21.30 -8.27 -20.68
N VAL A 307 21.79 -7.39 -21.55
CA VAL A 307 21.65 -7.60 -22.99
C VAL A 307 22.50 -8.76 -23.48
N SER A 308 23.44 -9.25 -22.67
CA SER A 308 24.24 -10.41 -23.03
C SER A 308 24.00 -11.59 -22.09
N SER A 309 22.87 -11.57 -21.37
CA SER A 309 22.50 -12.60 -20.43
C SER A 309 22.02 -13.85 -21.16
N PRO A 310 22.29 -15.04 -20.60
CA PRO A 310 21.79 -16.28 -21.23
C PRO A 310 20.27 -16.40 -21.18
N HIS A 311 19.60 -15.74 -20.24
CA HIS A 311 18.14 -15.76 -20.15
C HIS A 311 17.57 -14.78 -21.17
N PHE A 312 16.97 -15.30 -22.24
CA PHE A 312 16.42 -14.45 -23.29
C PHE A 312 15.39 -13.48 -22.74
N GLN A 313 14.59 -13.90 -21.76
CA GLN A 313 13.54 -13.03 -21.23
C GLN A 313 14.12 -11.76 -20.62
N VAL A 314 15.29 -11.85 -19.98
CA VAL A 314 15.86 -10.64 -19.39
C VAL A 314 16.62 -9.82 -20.42
N ALA A 315 17.07 -10.44 -21.52
CA ALA A 315 17.70 -9.67 -22.60
C ALA A 315 16.65 -8.93 -23.42
N GLU A 316 15.50 -9.57 -23.69
CA GLU A 316 14.41 -8.89 -24.38
C GLU A 316 13.97 -7.65 -23.61
N ARG A 317 13.83 -7.77 -22.29
CA ARG A 317 13.38 -6.63 -21.49
C ARG A 317 14.41 -5.51 -21.47
N ALA A 318 15.69 -5.87 -21.40
CA ALA A 318 16.73 -4.85 -21.42
C ALA A 318 16.81 -4.17 -22.80
N LEU A 319 16.73 -4.95 -23.88
CA LEU A 319 16.78 -4.38 -25.21
C LEU A 319 15.60 -3.46 -25.51
N TYR A 320 14.51 -3.57 -24.75
CA TYR A 320 13.39 -2.67 -24.94
C TYR A 320 13.70 -1.23 -24.50
N TYR A 321 14.82 -1.02 -23.79
CA TYR A 321 15.21 0.33 -23.38
C TYR A 321 15.43 1.24 -24.58
N TRP A 322 15.94 0.69 -25.69
CA TRP A 322 16.17 1.50 -26.88
C TRP A 322 14.86 2.06 -27.45
N ASN A 323 13.76 1.32 -27.29
CA ASN A 323 12.47 1.80 -27.76
C ASN A 323 11.96 2.99 -26.96
N ASN A 324 12.54 3.26 -25.79
CA ASN A 324 12.11 4.39 -24.97
C ASN A 324 12.61 5.69 -25.57
N GLU A 325 11.69 6.61 -25.83
CA GLU A 325 12.05 7.86 -26.51
C GLU A 325 12.97 8.71 -25.63
N TYR A 326 12.62 8.87 -24.35
CA TYR A 326 13.41 9.74 -23.48
C TYR A 326 14.78 9.16 -23.17
N ILE A 327 14.89 7.83 -23.10
CA ILE A 327 16.16 7.22 -22.72
C ILE A 327 17.20 7.41 -23.82
N MET A 328 16.78 7.31 -25.08
CA MET A 328 17.71 7.54 -26.19
C MET A 328 18.23 8.97 -26.20
N SER A 329 17.43 9.92 -25.69
CA SER A 329 17.88 11.31 -25.61
C SER A 329 19.01 11.46 -24.59
N LEU A 330 18.93 10.73 -23.48
CA LEU A 330 20.01 10.78 -22.49
C LEU A 330 21.24 10.04 -22.99
N ILE A 331 21.07 9.06 -23.88
CA ILE A 331 22.21 8.35 -24.42
C ILE A 331 22.89 9.17 -25.51
N SER A 332 22.10 9.83 -26.37
CA SER A 332 22.68 10.66 -27.40
C SER A 332 23.45 11.84 -26.81
N ASP A 333 23.05 12.30 -25.62
CA ASP A 333 23.75 13.38 -24.95
C ASP A 333 24.94 12.91 -24.13
N ASN A 334 25.09 11.60 -23.95
CA ASN A 334 26.20 11.01 -23.21
C ASN A 334 26.81 9.87 -24.00
N ALA A 335 26.78 9.97 -25.33
CA ALA A 335 27.29 8.91 -26.19
C ALA A 335 28.77 8.67 -25.99
N ALA A 336 29.52 9.68 -25.53
CA ALA A 336 30.95 9.52 -25.35
C ALA A 336 31.30 8.55 -24.22
N LYS A 337 30.35 8.28 -23.32
CA LYS A 337 30.59 7.42 -22.18
C LYS A 337 29.68 6.20 -22.13
N ILE A 338 28.48 6.28 -22.69
CA ILE A 338 27.55 5.16 -22.64
C ILE A 338 27.81 4.17 -23.77
N LEU A 339 28.09 4.66 -24.98
CA LEU A 339 28.32 3.77 -26.10
C LEU A 339 29.53 2.84 -25.92
N PRO A 340 30.67 3.29 -25.39
CA PRO A 340 31.77 2.33 -25.16
C PRO A 340 31.41 1.22 -24.18
N ILE A 341 30.37 1.39 -23.37
CA ILE A 341 29.96 0.37 -22.42
C ILE A 341 29.01 -0.65 -23.06
N MET A 342 28.03 -0.17 -23.83
CA MET A 342 27.07 -1.08 -24.44
C MET A 342 27.70 -1.89 -25.57
N PHE A 343 28.40 -1.20 -26.49
CA PHE A 343 29.00 -1.84 -27.66
C PHE A 343 30.51 -1.63 -27.61
N PRO A 344 31.22 -2.43 -26.83
CA PRO A 344 32.68 -2.22 -26.69
C PRO A 344 33.46 -2.50 -27.96
N SER A 345 33.02 -3.46 -28.78
CA SER A 345 33.72 -3.80 -30.01
C SER A 345 33.61 -2.72 -31.08
N LEU A 346 32.86 -1.65 -30.84
CA LEU A 346 32.61 -0.63 -31.85
C LEU A 346 32.91 0.78 -31.39
N TYR A 347 32.99 1.04 -30.08
CA TYR A 347 33.25 2.38 -29.56
C TYR A 347 34.24 2.29 -28.42
N ARG A 348 35.32 3.08 -28.51
CA ARG A 348 36.29 3.18 -27.43
C ARG A 348 36.10 4.50 -26.69
N ASN A 349 36.89 4.70 -25.64
CA ASN A 349 36.84 5.94 -24.88
C ASN A 349 38.25 6.35 -24.47
N SER A 350 38.39 7.63 -24.13
CA SER A 350 39.64 8.18 -23.63
C SER A 350 39.33 9.47 -22.90
N LYS A 351 40.36 10.26 -22.63
CA LYS A 351 40.19 11.53 -21.92
C LYS A 351 39.47 12.55 -22.79
N THR B 1 -10.05 0.35 -6.96
CA THR B 1 -9.48 1.09 -5.84
C THR B 1 -8.04 1.50 -6.12
N GLU B 2 -7.85 2.74 -6.55
CA GLU B 2 -6.51 3.27 -6.80
C GLU B 2 -6.02 4.19 -5.69
N LEU B 3 -6.91 4.57 -4.77
CA LEU B 3 -6.59 5.44 -3.63
C LEU B 3 -6.17 6.84 -4.06
N THR B 5 -4.83 10.76 -3.61
CA THR B 5 -3.70 11.36 -2.92
C THR B 5 -4.11 11.91 -1.53
N ILE B 6 -3.24 11.75 -0.54
CA ILE B 6 -3.45 12.29 0.80
C ILE B 6 -2.40 13.37 1.03
N LEU B 7 -2.84 14.62 1.09
CA LEU B 7 -1.91 15.72 1.29
C LEU B 7 -1.37 15.71 2.73
N GLU B 8 -0.04 15.79 2.85
CA GLU B 8 0.58 15.85 4.16
C GLU B 8 0.22 17.13 4.89
N GLU B 9 0.33 18.26 4.22
CA GLU B 9 0.00 19.56 4.78
C GLU B 9 -0.78 20.38 3.77
#